data_9RET
#
_entry.id   9RET
#
_cell.length_a   52.468
_cell.length_b   72.252
_cell.length_c   98.963
_cell.angle_alpha   90.000
_cell.angle_beta   90.000
_cell.angle_gamma   90.000
#
_symmetry.space_group_name_H-M   'P 21 21 21'
#
loop_
_entity.id
_entity.type
_entity.pdbx_description
1 polymer 'cAMP-dependent protein kinase catalytic subunit alpha'
2 non-polymer 'DIMETHYL SULFOXIDE'
3 non-polymer (2~{S},3~{R},4~{S})-4-azanyl-2-[[methyl(2-phenylethyl)amino]methyl]oxolan-3-ol
4 water water
#
_entity_poly.entity_id   1
_entity_poly.type   'polypeptide(L)'
_entity_poly.pdbx_seq_one_letter_code
;GHMGNAAAAKKGSEQESVKEFLAKAKEEFLKKWESPSQNTAQLDHFDRIKTLGTGSFGRVMLVKHKETGNHYAMKILDKQ
KVVKLKQIEHTLNEKRILQAVNFPFLVKLEFSFKDNSNLYMVMEYVPGGEMFSHLRRIGRF(SEP)EPHARFYAAQIVLT
FEYLHSLDLIYRDLKPENLLIDQQGYIQVTDFGFAKRVKGRTW(TPO)LCGTPEYLAPEIILSKGYNKAVDWWALGVLIY
EMAAGYPPFFADQPIQIYEKIVSGKVRFPSHFSSDLKDLLRNLLQVDLTKRFGNLKNGVNDIKNHKWFATTDWIAIYQRK
VEAPFIPKFKGPGDTSNFDDYEEEEIRV(SEP)INEKCGKEFTEF
;
_entity_poly.pdbx_strand_id   A
#
loop_
_chem_comp.id
_chem_comp.type
_chem_comp.name
_chem_comp.formula
A1JEF non-polymer (2~{S},3~{R},4~{S})-4-azanyl-2-[[methyl(2-phenylethyl)amino]methyl]oxolan-3-ol 'C14 H22 N2 O2'
DMS non-polymer 'DIMETHYL SULFOXIDE' 'C2 H6 O S'
#
# COMPACT_ATOMS: atom_id res chain seq x y z
N GLN A 15 -3.00 6.48 26.78
CA GLN A 15 -1.61 6.02 26.83
C GLN A 15 -0.59 7.07 26.26
N GLU A 16 0.06 7.82 27.16
CA GLU A 16 0.64 9.12 26.79
C GLU A 16 1.81 9.02 25.82
N SER A 17 2.60 7.95 25.86
CA SER A 17 3.72 7.92 24.91
C SER A 17 3.22 7.71 23.49
N VAL A 18 2.11 6.99 23.33
CA VAL A 18 1.45 6.82 22.04
C VAL A 18 0.77 8.11 21.59
N LYS A 19 0.06 8.79 22.51
CA LYS A 19 -0.58 10.05 22.17
C LYS A 19 0.44 11.10 21.72
N GLU A 20 1.60 11.19 22.37
CA GLU A 20 2.56 12.21 21.96
C GLU A 20 3.29 11.82 20.69
N PHE A 21 3.54 10.51 20.51
CA PHE A 21 4.10 10.06 19.25
C PHE A 21 3.23 10.49 18.08
N LEU A 22 1.92 10.23 18.16
CA LEU A 22 1.05 10.56 17.01
C LEU A 22 0.86 12.06 16.87
N ALA A 23 0.89 12.79 18.00
CA ALA A 23 0.84 14.25 17.95
C ALA A 23 2.02 14.81 17.16
N LYS A 24 3.24 14.35 17.45
CA LYS A 24 4.40 14.82 16.67
C LYS A 24 4.35 14.34 15.21
N ALA A 25 3.96 13.08 14.98
CA ALA A 25 3.74 12.58 13.61
C ALA A 25 2.89 13.53 12.78
N LYS A 26 1.76 14.00 13.35
CA LYS A 26 0.87 14.87 12.61
C LYS A 26 1.46 16.28 12.36
N GLU A 27 2.14 16.85 13.36
CA GLU A 27 2.86 18.12 13.17
C GLU A 27 3.82 18.05 12.00
N GLU A 28 4.66 17.00 11.97
CA GLU A 28 5.69 16.86 10.93
C GLU A 28 5.05 16.63 9.55
N PHE A 29 3.97 15.84 9.49
CA PHE A 29 3.23 15.66 8.25
C PHE A 29 2.67 16.99 7.73
N LEU A 30 1.99 17.78 8.60
CA LEU A 30 1.34 19.01 8.12
C LEU A 30 2.34 20.01 7.57
N LYS A 31 3.53 20.10 8.18
CA LYS A 31 4.55 21.03 7.70
C LYS A 31 4.94 20.76 6.24
N LYS A 32 5.21 19.49 5.88
CA LYS A 32 5.52 19.13 4.50
C LYS A 32 4.30 19.21 3.60
N TRP A 33 3.11 18.90 4.13
CA TRP A 33 1.85 18.91 3.37
C TRP A 33 1.56 20.30 2.81
N GLU A 34 1.74 21.30 3.64
CA GLU A 34 1.49 22.68 3.25
C GLU A 34 2.58 23.23 2.33
N SER A 35 3.71 22.54 2.17
CA SER A 35 4.81 23.05 1.33
C SER A 35 5.52 21.90 0.61
N PRO A 36 4.90 21.36 -0.45
CA PRO A 36 5.49 20.18 -1.12
C PRO A 36 6.75 20.51 -1.91
N SER A 37 7.69 19.54 -1.98
CA SER A 37 8.83 19.76 -2.89
C SER A 37 8.45 19.33 -4.31
N GLN A 38 9.22 19.81 -5.29
CA GLN A 38 8.98 19.55 -6.71
C GLN A 38 10.34 19.54 -7.41
N ASN A 39 10.39 18.86 -8.56
CA ASN A 39 11.49 19.01 -9.52
C ASN A 39 12.89 18.79 -8.91
N THR A 40 13.10 17.64 -8.28
CA THR A 40 14.34 17.41 -7.55
C THR A 40 15.36 16.50 -8.27
N ALA A 41 15.15 16.15 -9.57
CA ALA A 41 16.17 15.49 -10.43
C ALA A 41 15.74 15.58 -11.91
N GLN A 42 16.43 14.87 -12.82
CA GLN A 42 15.92 14.74 -14.19
C GLN A 42 16.27 13.36 -14.78
N LEU A 43 15.67 13.05 -15.94
CA LEU A 43 15.76 11.65 -16.43
C LEU A 43 17.21 11.27 -16.75
N ASP A 44 17.99 12.18 -17.37
CA ASP A 44 19.31 11.77 -17.77
C ASP A 44 20.32 11.82 -16.62
N HIS A 45 19.85 11.97 -15.35
CA HIS A 45 20.67 11.65 -14.19
C HIS A 45 20.77 10.15 -13.84
N PHE A 46 20.02 9.29 -14.55
CA PHE A 46 19.89 7.88 -14.24
C PHE A 46 20.18 7.02 -15.47
N ASP A 47 20.66 5.79 -15.22
CA ASP A 47 20.78 4.74 -16.24
C ASP A 47 19.62 3.74 -16.05
N ARG A 48 18.91 3.40 -17.15
CA ARG A 48 17.81 2.43 -17.10
C ARG A 48 18.36 0.98 -17.05
N ILE A 49 17.86 0.12 -16.12
CA ILE A 49 18.36 -1.27 -15.99
C ILE A 49 17.31 -2.29 -16.47
N LYS A 50 16.09 -2.25 -15.92
CA LYS A 50 15.09 -3.31 -16.19
C LYS A 50 13.70 -2.82 -15.83
N THR A 51 12.69 -3.35 -16.55
CA THR A 51 11.31 -3.05 -16.21
C THR A 51 10.86 -4.03 -15.11
N LEU A 52 10.42 -3.49 -13.96
CA LEU A 52 9.98 -4.35 -12.85
C LEU A 52 8.49 -4.65 -12.85
N GLY A 53 7.71 -3.84 -13.52
CA GLY A 53 6.27 -4.09 -13.64
C GLY A 53 5.64 -3.08 -14.57
N THR A 54 4.50 -3.45 -15.15
CA THR A 54 3.78 -2.53 -16.01
C THR A 54 2.30 -2.80 -15.80
N GLY A 55 1.49 -1.76 -15.77
CA GLY A 55 0.08 -1.98 -15.47
C GLY A 55 -0.76 -0.71 -15.44
N SER A 56 -1.84 -0.72 -14.63
CA SER A 56 -2.72 0.44 -14.54
C SER A 56 -2.02 1.61 -13.84
N PHE A 57 -1.06 1.30 -12.97
CA PHE A 57 -0.19 2.24 -12.30
C PHE A 57 0.88 2.85 -13.22
N GLY A 58 1.02 2.44 -14.50
CA GLY A 58 2.09 2.97 -15.36
C GLY A 58 3.20 1.94 -15.56
N ARG A 59 4.49 2.33 -15.47
CA ARG A 59 5.60 1.36 -15.46
C ARG A 59 6.47 1.65 -14.26
N VAL A 60 7.06 0.62 -13.66
CA VAL A 60 8.13 0.84 -12.69
C VAL A 60 9.40 0.20 -13.23
N MET A 61 10.51 0.95 -13.24
CA MET A 61 11.80 0.47 -13.75
C MET A 61 12.87 0.54 -12.67
N LEU A 62 13.77 -0.43 -12.68
CA LEU A 62 15.00 -0.33 -11.87
C LEU A 62 15.96 0.61 -12.58
N VAL A 63 16.48 1.62 -11.87
CA VAL A 63 17.43 2.59 -12.41
C VAL A 63 18.61 2.74 -11.46
N LYS A 64 19.71 3.27 -11.98
CA LYS A 64 20.90 3.55 -11.20
C LYS A 64 21.33 5.02 -11.39
N HIS A 65 21.54 5.71 -10.25
CA HIS A 65 21.94 7.12 -10.29
C HIS A 65 23.39 7.23 -10.73
N LYS A 66 23.64 8.04 -11.77
CA LYS A 66 24.98 7.98 -12.38
C LYS A 66 26.07 8.52 -11.45
N GLU A 67 25.76 9.54 -10.66
CA GLU A 67 26.80 10.17 -9.84
C GLU A 67 27.04 9.42 -8.52
N THR A 68 26.01 8.86 -7.91
CA THR A 68 26.23 8.13 -6.66
C THR A 68 26.35 6.61 -6.83
N GLY A 69 25.86 6.04 -7.93
CA GLY A 69 25.75 4.60 -8.05
C GLY A 69 24.61 3.94 -7.25
N ASN A 70 23.74 4.73 -6.63
CA ASN A 70 22.61 4.15 -5.86
C ASN A 70 21.50 3.64 -6.78
N HIS A 71 20.83 2.56 -6.34
CA HIS A 71 19.72 2.00 -7.11
C HIS A 71 18.39 2.57 -6.62
N TYR A 72 17.46 2.77 -7.55
CA TYR A 72 16.11 3.24 -7.20
C TYR A 72 15.07 2.54 -8.05
N ALA A 73 13.80 2.59 -7.57
CA ALA A 73 12.62 2.17 -8.34
C ALA A 73 11.92 3.41 -8.89
N MET A 74 11.96 3.59 -10.22
CA MET A 74 11.40 4.78 -10.86
C MET A 74 10.04 4.46 -11.48
N LYS A 75 8.97 5.12 -10.97
CA LYS A 75 7.62 4.96 -11.51
C LYS A 75 7.36 6.02 -12.59
N ILE A 76 6.93 5.57 -13.77
CA ILE A 76 6.76 6.44 -14.96
C ILE A 76 5.29 6.45 -15.35
N LEU A 77 4.66 7.64 -15.30
CA LEU A 77 3.28 7.83 -15.73
C LEU A 77 3.24 8.66 -17.03
N ASP A 78 2.51 8.17 -18.03
CA ASP A 78 2.32 8.86 -19.33
C ASP A 78 1.16 9.86 -19.23
N LYS A 79 1.46 11.17 -19.27
CA LYS A 79 0.43 12.20 -19.05
C LYS A 79 -0.76 12.05 -20.00
N GLN A 80 -0.50 11.77 -21.28
CA GLN A 80 -1.57 11.73 -22.27
C GLN A 80 -2.45 10.49 -22.18
N LYS A 81 -2.21 9.53 -21.28
CA LYS A 81 -3.16 8.42 -21.11
C LYS A 81 -4.25 8.75 -20.10
N VAL A 82 -4.43 10.03 -19.74
CA VAL A 82 -5.52 10.45 -18.86
C VAL A 82 -6.84 10.49 -19.64
N VAL A 83 -7.87 9.87 -19.08
CA VAL A 83 -9.19 9.91 -19.67
C VAL A 83 -10.25 10.52 -18.74
N LYS A 84 -9.96 10.68 -17.43
CA LYS A 84 -10.90 11.17 -16.43
C LYS A 84 -10.19 12.18 -15.52
N LEU A 85 -10.91 13.22 -15.09
CA LEU A 85 -10.30 14.20 -14.18
C LEU A 85 -9.95 13.57 -12.82
N LYS A 86 -10.64 12.51 -12.40
CA LYS A 86 -10.29 11.89 -11.12
C LYS A 86 -8.90 11.20 -11.18
N GLN A 87 -8.49 10.71 -12.36
CA GLN A 87 -7.13 10.16 -12.48
C GLN A 87 -6.05 11.22 -12.19
N ILE A 88 -6.25 12.44 -12.69
CA ILE A 88 -5.31 13.52 -12.37
C ILE A 88 -5.25 13.77 -10.87
N GLU A 89 -6.43 13.90 -10.24
CA GLU A 89 -6.52 14.14 -8.81
C GLU A 89 -5.80 13.03 -8.03
N HIS A 90 -5.98 11.78 -8.48
CA HIS A 90 -5.35 10.64 -7.81
C HIS A 90 -3.83 10.70 -7.92
N THR A 91 -3.29 11.02 -9.10
N THR A 91 -3.28 11.01 -9.11
CA THR A 91 -1.82 11.09 -9.20
CA THR A 91 -1.83 11.08 -9.17
C THR A 91 -1.27 12.27 -8.42
C THR A 91 -1.28 12.25 -8.37
N LEU A 92 -2.01 13.37 -8.30
CA LEU A 92 -1.55 14.46 -7.44
C LEU A 92 -1.64 14.10 -5.93
N ASN A 93 -2.71 13.39 -5.53
CA ASN A 93 -2.78 12.83 -4.16
C ASN A 93 -1.52 12.03 -3.85
N GLU A 94 -1.18 11.09 -4.74
CA GLU A 94 -0.08 10.17 -4.47
C GLU A 94 1.23 10.91 -4.23
N LYS A 95 1.55 11.87 -5.10
CA LYS A 95 2.84 12.54 -4.94
C LYS A 95 2.86 13.41 -3.70
N ARG A 96 1.79 14.16 -3.44
CA ARG A 96 1.79 15.05 -2.28
C ARG A 96 1.81 14.28 -0.97
N ILE A 97 1.13 13.12 -0.92
CA ILE A 97 1.14 12.35 0.34
C ILE A 97 2.51 11.69 0.54
N LEU A 98 3.08 11.10 -0.51
CA LEU A 98 4.36 10.42 -0.34
C LEU A 98 5.50 11.38 0.05
N GLN A 99 5.53 12.60 -0.50
CA GLN A 99 6.58 13.50 -0.06
C GLN A 99 6.37 14.03 1.37
N ALA A 100 5.22 13.78 2.01
CA ALA A 100 4.97 14.30 3.35
C ALA A 100 4.99 13.27 4.49
N VAL A 101 4.91 11.95 4.19
CA VAL A 101 4.84 10.92 5.25
C VAL A 101 6.24 10.38 5.58
N ASN A 102 6.30 9.71 6.74
CA ASN A 102 7.54 9.12 7.25
C ASN A 102 7.18 8.02 8.26
N PHE A 103 7.40 6.73 7.91
CA PHE A 103 7.03 5.67 8.86
C PHE A 103 7.86 4.45 8.49
N PRO A 104 8.23 3.59 9.45
CA PRO A 104 9.15 2.48 9.13
C PRO A 104 8.69 1.52 8.03
N PHE A 105 7.39 1.35 7.80
CA PHE A 105 6.93 0.31 6.88
C PHE A 105 6.35 0.88 5.56
N LEU A 106 6.73 2.10 5.20
CA LEU A 106 6.28 2.79 3.96
C LEU A 106 7.53 3.03 3.08
N VAL A 107 7.46 2.65 1.79
CA VAL A 107 8.56 2.96 0.84
C VAL A 107 8.75 4.49 0.77
N LYS A 108 10.03 4.94 0.80
CA LYS A 108 10.33 6.37 0.80
C LYS A 108 10.47 6.92 -0.61
N LEU A 109 9.87 8.09 -0.83
CA LEU A 109 10.04 8.80 -2.11
C LEU A 109 11.31 9.68 -2.04
N GLU A 110 12.27 9.46 -2.96
CA GLU A 110 13.52 10.23 -2.95
C GLU A 110 13.55 11.41 -3.91
N PHE A 111 12.97 11.30 -5.12
CA PHE A 111 12.93 12.38 -6.12
C PHE A 111 11.57 12.41 -6.78
N SER A 112 11.12 13.58 -7.27
CA SER A 112 10.02 13.61 -8.25
C SER A 112 10.31 14.70 -9.28
N PHE A 113 9.71 14.56 -10.47
CA PHE A 113 9.92 15.54 -11.57
C PHE A 113 9.03 15.16 -12.73
N LYS A 114 8.96 16.04 -13.74
CA LYS A 114 8.17 15.76 -14.93
C LYS A 114 8.88 16.32 -16.17
N ASP A 115 8.44 15.89 -17.33
CA ASP A 115 8.99 16.47 -18.58
C ASP A 115 7.85 16.57 -19.60
N ASN A 116 8.20 16.80 -20.87
CA ASN A 116 7.15 17.00 -21.87
C ASN A 116 6.13 15.86 -21.90
N SER A 117 6.53 14.63 -21.57
CA SER A 117 5.62 13.52 -21.81
C SER A 117 5.16 12.81 -20.52
N ASN A 118 6.00 12.73 -19.51
CA ASN A 118 5.75 11.82 -18.38
C ASN A 118 5.82 12.55 -17.02
N LEU A 119 5.24 11.90 -15.97
CA LEU A 119 5.54 12.19 -14.57
C LEU A 119 6.38 11.06 -13.98
N TYR A 120 7.32 11.40 -13.11
CA TYR A 120 8.24 10.42 -12.49
C TYR A 120 8.24 10.51 -10.96
N MET A 121 8.11 9.36 -10.27
CA MET A 121 8.34 9.29 -8.84
C MET A 121 9.44 8.27 -8.58
N VAL A 122 10.54 8.70 -7.97
CA VAL A 122 11.74 7.85 -7.80
C VAL A 122 11.78 7.45 -6.32
N MET A 123 11.61 6.17 -6.04
CA MET A 123 11.54 5.65 -4.67
C MET A 123 12.71 4.72 -4.37
N GLU A 124 12.94 4.46 -3.08
N GLU A 124 12.95 4.47 -3.09
CA GLU A 124 13.93 3.44 -2.70
CA GLU A 124 13.95 3.45 -2.76
C GLU A 124 13.57 2.10 -3.37
C GLU A 124 13.58 2.12 -3.41
N TYR A 125 14.61 1.36 -3.79
CA TYR A 125 14.42 0.04 -4.39
C TYR A 125 14.50 -1.05 -3.29
N VAL A 126 13.48 -1.90 -3.21
CA VAL A 126 13.38 -3.00 -2.23
C VAL A 126 13.55 -4.33 -3.00
N PRO A 127 14.69 -5.01 -2.88
CA PRO A 127 14.99 -6.13 -3.79
C PRO A 127 14.33 -7.45 -3.42
N GLY A 128 13.63 -7.55 -2.31
CA GLY A 128 13.10 -8.87 -1.95
C GLY A 128 11.86 -9.30 -2.67
N GLY A 129 11.22 -8.41 -3.40
CA GLY A 129 10.06 -8.79 -4.20
C GLY A 129 8.74 -8.56 -3.44
N GLU A 130 7.63 -8.89 -4.12
CA GLU A 130 6.25 -8.73 -3.62
C GLU A 130 5.84 -9.88 -2.70
N MET A 131 5.11 -9.52 -1.64
CA MET A 131 4.60 -10.58 -0.74
C MET A 131 3.77 -11.58 -1.51
N PHE A 132 3.08 -11.12 -2.56
CA PHE A 132 2.25 -12.00 -3.40
C PHE A 132 3.03 -13.19 -3.96
N SER A 133 4.24 -12.94 -4.51
N SER A 133 4.25 -12.98 -4.50
CA SER A 133 5.07 -14.03 -5.06
CA SER A 133 5.00 -14.12 -5.05
C SER A 133 5.45 -15.05 -3.98
C SER A 133 5.45 -15.08 -3.96
N HIS A 134 5.89 -14.56 -2.82
CA HIS A 134 6.30 -15.46 -1.73
C HIS A 134 5.14 -16.28 -1.18
N LEU A 135 3.96 -15.64 -1.09
CA LEU A 135 2.75 -16.38 -0.67
C LEU A 135 2.42 -17.51 -1.64
N ARG A 136 2.39 -17.21 -2.95
CA ARG A 136 2.05 -18.23 -3.93
C ARG A 136 3.11 -19.32 -4.03
N ARG A 137 4.38 -18.97 -3.76
CA ARG A 137 5.43 -20.00 -3.76
C ARG A 137 5.31 -20.93 -2.53
N ILE A 138 5.18 -20.35 -1.31
CA ILE A 138 5.06 -21.13 -0.06
C ILE A 138 3.70 -21.86 0.06
N GLY A 139 2.63 -21.31 -0.51
CA GLY A 139 1.27 -21.86 -0.46
C GLY A 139 0.35 -21.15 0.54
N ARG A 140 0.67 -21.18 1.85
CA ARG A 140 0.09 -20.27 2.85
C ARG A 140 1.12 -19.99 3.94
N PHE A 141 0.92 -18.90 4.68
CA PHE A 141 1.78 -18.56 5.81
C PHE A 141 1.18 -19.16 7.08
N SEP A 142 2.06 -19.63 7.96
CA SEP A 142 1.62 -20.14 9.28
CB SEP A 142 2.83 -20.66 10.06
OG SEP A 142 3.64 -19.53 10.47
C SEP A 142 0.95 -18.99 10.04
O SEP A 142 1.22 -17.86 9.72
P SEP A 142 5.12 -19.87 11.14
O1P SEP A 142 5.02 -20.76 12.51
O2P SEP A 142 5.92 -20.71 10.03
O3P SEP A 142 6.00 -18.50 11.47
N GLU A 143 0.17 -19.20 11.12
CA GLU A 143 -0.43 -18.00 11.74
C GLU A 143 0.58 -17.05 12.34
N PRO A 144 1.68 -17.54 12.96
CA PRO A 144 2.66 -16.57 13.46
C PRO A 144 3.28 -15.70 12.37
N HIS A 145 3.51 -16.26 11.20
CA HIS A 145 4.08 -15.52 10.06
C HIS A 145 3.09 -14.47 9.54
N ALA A 146 1.82 -14.89 9.34
CA ALA A 146 0.78 -13.92 8.93
C ALA A 146 0.59 -12.83 9.97
N ARG A 147 0.68 -13.18 11.30
CA ARG A 147 0.55 -12.21 12.38
C ARG A 147 1.70 -11.19 12.39
N PHE A 148 2.92 -11.63 12.07
CA PHE A 148 4.06 -10.69 11.99
C PHE A 148 3.80 -9.59 10.92
N TYR A 149 3.35 -10.01 9.73
CA TYR A 149 2.99 -9.03 8.66
C TYR A 149 1.74 -8.21 9.02
N ALA A 150 0.69 -8.85 9.57
CA ALA A 150 -0.51 -8.08 9.92
C ALA A 150 -0.22 -7.00 10.96
N ALA A 151 0.62 -7.31 11.97
CA ALA A 151 0.94 -6.27 12.99
C ALA A 151 1.55 -5.01 12.33
N GLN A 152 2.41 -5.21 11.32
CA GLN A 152 3.03 -4.07 10.62
C GLN A 152 1.97 -3.26 9.87
N ILE A 153 0.94 -3.91 9.30
CA ILE A 153 -0.14 -3.14 8.65
C ILE A 153 -1.01 -2.43 9.68
N VAL A 154 -1.24 -3.05 10.86
CA VAL A 154 -2.06 -2.37 11.88
C VAL A 154 -1.40 -1.07 12.33
N LEU A 155 -0.08 -1.11 12.58
CA LEU A 155 0.65 0.09 12.97
C LEU A 155 0.68 1.15 11.85
N THR A 156 0.80 0.70 10.61
CA THR A 156 0.83 1.62 9.46
C THR A 156 -0.51 2.33 9.30
N PHE A 157 -1.63 1.58 9.44
CA PHE A 157 -2.94 2.24 9.37
C PHE A 157 -3.19 3.13 10.59
N GLU A 158 -2.73 2.75 11.79
CA GLU A 158 -2.88 3.65 12.95
C GLU A 158 -2.23 5.01 12.67
N TYR A 159 -1.02 4.99 12.08
CA TYR A 159 -0.29 6.19 11.64
C TYR A 159 -1.06 6.98 10.56
N LEU A 160 -1.39 6.32 9.43
CA LEU A 160 -2.06 6.99 8.32
C LEU A 160 -3.42 7.58 8.75
N HIS A 161 -4.25 6.78 9.45
CA HIS A 161 -5.57 7.28 9.87
C HIS A 161 -5.47 8.47 10.82
N SER A 162 -4.45 8.50 11.68
N SER A 162 -4.45 8.48 11.69
CA SER A 162 -4.28 9.65 12.58
CA SER A 162 -4.24 9.63 12.58
C SER A 162 -3.94 10.96 11.84
C SER A 162 -4.04 10.93 11.80
N LEU A 163 -3.45 10.85 10.61
CA LEU A 163 -3.20 11.97 9.73
C LEU A 163 -4.40 12.29 8.87
N ASP A 164 -5.56 11.66 9.12
CA ASP A 164 -6.75 11.79 8.29
C ASP A 164 -6.55 11.28 6.86
N LEU A 165 -5.67 10.29 6.64
CA LEU A 165 -5.44 9.65 5.33
C LEU A 165 -6.10 8.28 5.29
N ILE A 166 -6.70 7.90 4.14
CA ILE A 166 -7.21 6.55 3.86
C ILE A 166 -6.32 5.95 2.76
N TYR A 167 -6.01 4.65 2.83
CA TYR A 167 -5.02 4.09 1.89
C TYR A 167 -5.67 3.53 0.61
N ARG A 168 -6.69 2.67 0.78
CA ARG A 168 -7.62 2.15 -0.24
C ARG A 168 -7.01 1.25 -1.30
N ASP A 169 -5.78 0.73 -1.13
CA ASP A 169 -5.26 -0.25 -2.13
C ASP A 169 -4.54 -1.41 -1.46
N LEU A 170 -4.99 -1.84 -0.27
CA LEU A 170 -4.28 -2.95 0.38
C LEU A 170 -4.52 -4.23 -0.40
N LYS A 171 -3.41 -4.95 -0.74
CA LYS A 171 -3.46 -6.21 -1.50
C LYS A 171 -2.02 -6.75 -1.49
N PRO A 172 -1.79 -8.07 -1.60
CA PRO A 172 -0.41 -8.56 -1.40
C PRO A 172 0.59 -8.09 -2.45
N GLU A 173 0.12 -7.69 -3.63
N GLU A 173 0.15 -7.69 -3.65
CA GLU A 173 1.06 -7.20 -4.64
CA GLU A 173 1.17 -7.24 -4.59
C GLU A 173 1.73 -5.89 -4.22
C GLU A 173 1.65 -5.82 -4.33
N ASN A 174 1.07 -5.13 -3.33
CA ASN A 174 1.57 -3.84 -2.91
C ASN A 174 2.48 -3.88 -1.68
N LEU A 175 2.76 -5.06 -1.11
CA LEU A 175 3.55 -5.17 0.09
C LEU A 175 4.91 -5.79 -0.28
N LEU A 176 5.99 -4.98 -0.33
CA LEU A 176 7.31 -5.54 -0.69
C LEU A 176 8.01 -6.07 0.56
N ILE A 177 8.89 -7.08 0.39
CA ILE A 177 9.68 -7.64 1.49
C ILE A 177 11.15 -7.17 1.38
N ASP A 178 11.67 -6.57 2.47
CA ASP A 178 12.96 -5.89 2.43
C ASP A 178 14.06 -6.82 2.94
N GLN A 179 15.29 -6.27 3.05
CA GLN A 179 16.44 -7.09 3.34
C GLN A 179 16.36 -7.72 4.73
N GLN A 180 15.60 -7.12 5.66
CA GLN A 180 15.39 -7.65 7.01
C GLN A 180 14.13 -8.53 7.14
N GLY A 181 13.48 -8.87 6.02
CA GLY A 181 12.20 -9.62 5.99
C GLY A 181 10.97 -8.84 6.44
N TYR A 182 11.05 -7.51 6.61
CA TYR A 182 9.94 -6.63 7.02
C TYR A 182 9.20 -6.06 5.79
N ILE A 183 7.96 -5.55 5.99
CA ILE A 183 7.11 -4.98 4.92
C ILE A 183 7.47 -3.52 4.64
N GLN A 184 7.47 -3.15 3.33
CA GLN A 184 7.39 -1.77 2.85
C GLN A 184 6.19 -1.64 1.92
N VAL A 185 5.25 -0.79 2.27
CA VAL A 185 4.04 -0.55 1.46
C VAL A 185 4.38 0.39 0.31
N THR A 186 4.03 -0.02 -0.91
CA THR A 186 4.15 0.81 -2.11
C THR A 186 2.79 1.01 -2.81
N ASP A 187 2.74 2.06 -3.65
CA ASP A 187 1.60 2.43 -4.48
C ASP A 187 0.55 3.19 -3.66
N PHE A 188 0.71 4.53 -3.62
CA PHE A 188 -0.24 5.43 -2.97
C PHE A 188 -1.21 6.03 -4.01
N GLY A 189 -1.42 5.31 -5.11
CA GLY A 189 -2.26 5.81 -6.19
C GLY A 189 -3.70 6.13 -5.82
N PHE A 190 -4.27 5.40 -4.84
CA PHE A 190 -5.61 5.68 -4.31
C PHE A 190 -5.62 6.30 -2.91
N ALA A 191 -4.46 6.67 -2.35
CA ALA A 191 -4.49 7.27 -1.01
C ALA A 191 -5.05 8.69 -1.05
N LYS A 192 -5.76 9.11 0.02
CA LYS A 192 -6.40 10.45 -0.01
C LYS A 192 -6.52 11.01 1.40
N ARG A 193 -6.35 12.35 1.55
CA ARG A 193 -6.67 13.03 2.81
C ARG A 193 -8.16 13.41 2.86
N VAL A 194 -8.82 12.98 3.94
CA VAL A 194 -10.28 12.89 4.04
C VAL A 194 -10.69 13.30 5.46
N LYS A 195 -11.51 14.34 5.59
N LYS A 195 -11.40 14.40 5.57
CA LYS A 195 -11.98 14.76 6.91
CA LYS A 195 -12.12 14.74 6.79
C LYS A 195 -13.19 13.98 7.40
C LYS A 195 -13.58 14.43 6.47
N GLY A 196 -14.07 13.61 6.48
N GLY A 196 -14.10 13.37 7.08
CA GLY A 196 -15.25 12.85 6.83
CA GLY A 196 -15.48 12.97 6.85
C GLY A 196 -15.41 11.61 5.97
C GLY A 196 -15.62 11.66 6.11
N ARG A 197 -16.20 11.74 4.92
CA ARG A 197 -16.47 10.64 4.00
C ARG A 197 -15.89 10.97 2.63
N THR A 198 -15.81 9.95 1.75
CA THR A 198 -15.42 10.14 0.36
C THR A 198 -16.22 9.15 -0.48
N TRP A 199 -16.19 9.32 -1.82
CA TRP A 199 -17.15 8.60 -2.69
C TRP A 199 -16.59 7.85 -3.95
N TPO A 200 -15.30 7.94 -4.25
CA TPO A 200 -14.81 7.34 -5.51
CB TPO A 200 -13.37 7.79 -5.88
CG2 TPO A 200 -13.06 7.55 -7.34
OG1 TPO A 200 -13.28 9.18 -5.72
P TPO A 200 -12.36 9.92 -4.55
O1P TPO A 200 -10.92 9.55 -4.97
O2P TPO A 200 -12.63 11.43 -4.53
O3P TPO A 200 -12.86 9.29 -3.20
C TPO A 200 -14.86 5.80 -5.51
O TPO A 200 -14.45 5.19 -4.52
N LEU A 201 -15.29 5.23 -6.63
CA LEU A 201 -15.19 3.79 -6.85
C LEU A 201 -13.75 3.47 -7.26
N CYS A 202 -13.01 2.80 -6.38
CA CYS A 202 -11.66 2.40 -6.72
C CYS A 202 -11.25 1.27 -5.75
N GLY A 203 -10.30 0.45 -6.21
CA GLY A 203 -9.84 -0.73 -5.52
C GLY A 203 -10.03 -2.05 -6.28
N THR A 204 -9.21 -3.05 -5.96
CA THR A 204 -9.36 -4.34 -6.62
C THR A 204 -10.60 -5.08 -6.09
N PRO A 205 -11.39 -5.73 -6.98
CA PRO A 205 -12.68 -6.27 -6.54
C PRO A 205 -12.63 -7.19 -5.33
N GLU A 206 -11.65 -8.10 -5.27
CA GLU A 206 -11.58 -9.03 -4.13
C GLU A 206 -11.50 -8.34 -2.77
N TYR A 207 -11.00 -7.10 -2.73
CA TYR A 207 -10.66 -6.40 -1.47
C TYR A 207 -11.63 -5.27 -1.12
N LEU A 208 -12.68 -5.05 -1.93
CA LEU A 208 -13.58 -3.92 -1.73
C LEU A 208 -14.57 -4.17 -0.61
N ALA A 209 -14.77 -3.16 0.25
CA ALA A 209 -15.75 -3.30 1.32
C ALA A 209 -17.17 -3.16 0.76
N PRO A 210 -18.17 -3.68 1.46
CA PRO A 210 -19.55 -3.57 0.92
C PRO A 210 -19.99 -2.13 0.64
N GLU A 211 -19.59 -1.15 1.46
CA GLU A 211 -20.14 0.21 1.25
C GLU A 211 -19.54 0.86 0.01
N ILE A 212 -18.36 0.41 -0.44
CA ILE A 212 -17.85 0.90 -1.73
C ILE A 212 -18.71 0.32 -2.87
N ILE A 213 -18.99 -1.00 -2.82
CA ILE A 213 -19.77 -1.66 -3.88
C ILE A 213 -21.16 -1.02 -4.00
N LEU A 214 -21.76 -0.64 -2.89
CA LEU A 214 -23.13 -0.06 -2.86
C LEU A 214 -23.16 1.46 -3.09
N SER A 215 -22.04 2.05 -3.52
CA SER A 215 -21.93 3.48 -3.88
C SER A 215 -22.34 4.43 -2.74
N LYS A 216 -21.93 4.11 -1.50
CA LYS A 216 -22.20 4.95 -0.33
C LYS A 216 -21.01 5.90 -0.06
N GLY A 217 -21.23 6.92 0.76
CA GLY A 217 -20.11 7.70 1.28
C GLY A 217 -19.40 6.84 2.31
N TYR A 218 -18.06 6.74 2.24
CA TYR A 218 -17.37 5.81 3.13
C TYR A 218 -16.13 6.45 3.75
N ASN A 219 -15.53 5.74 4.72
CA ASN A 219 -14.44 6.30 5.51
C ASN A 219 -13.36 5.24 5.75
N LYS A 220 -12.50 5.49 6.76
CA LYS A 220 -11.35 4.62 7.03
C LYS A 220 -11.73 3.17 7.36
N ALA A 221 -12.99 2.90 7.71
CA ALA A 221 -13.39 1.51 7.92
C ALA A 221 -13.13 0.61 6.71
N VAL A 222 -13.01 1.17 5.50
CA VAL A 222 -12.76 0.30 4.33
C VAL A 222 -11.37 -0.26 4.37
N ASP A 223 -10.42 0.44 5.00
CA ASP A 223 -9.06 -0.17 5.16
C ASP A 223 -9.07 -1.35 6.14
N TRP A 224 -9.83 -1.26 7.25
CA TRP A 224 -9.90 -2.39 8.18
C TRP A 224 -10.63 -3.60 7.57
N TRP A 225 -11.65 -3.36 6.73
CA TRP A 225 -12.23 -4.48 5.98
C TRP A 225 -11.15 -5.15 5.11
N ALA A 226 -10.35 -4.34 4.42
CA ALA A 226 -9.34 -4.90 3.52
C ALA A 226 -8.29 -5.69 4.31
N LEU A 227 -7.92 -5.20 5.53
CA LEU A 227 -7.03 -5.99 6.40
C LEU A 227 -7.60 -7.37 6.70
N GLY A 228 -8.93 -7.46 7.00
CA GLY A 228 -9.57 -8.78 7.12
C GLY A 228 -9.37 -9.68 5.90
N VAL A 229 -9.51 -9.13 4.68
CA VAL A 229 -9.31 -9.94 3.47
C VAL A 229 -7.86 -10.40 3.38
N LEU A 230 -6.93 -9.47 3.70
CA LEU A 230 -5.49 -9.78 3.61
C LEU A 230 -5.08 -10.87 4.63
N ILE A 231 -5.55 -10.76 5.86
CA ILE A 231 -5.18 -11.81 6.85
C ILE A 231 -5.74 -13.16 6.44
N TYR A 232 -7.01 -13.20 6.01
CA TYR A 232 -7.57 -14.47 5.52
C TYR A 232 -6.71 -15.05 4.37
N GLU A 233 -6.39 -14.22 3.38
CA GLU A 233 -5.60 -14.69 2.22
C GLU A 233 -4.22 -15.20 2.66
N MET A 234 -3.56 -14.49 3.59
CA MET A 234 -2.24 -14.94 4.07
C MET A 234 -2.36 -16.30 4.75
N ALA A 235 -3.41 -16.50 5.57
CA ALA A 235 -3.49 -17.75 6.37
C ALA A 235 -4.08 -18.93 5.60
N ALA A 236 -4.94 -18.69 4.61
CA ALA A 236 -5.56 -19.75 3.83
C ALA A 236 -4.84 -20.06 2.51
N GLY A 237 -4.19 -19.07 1.91
CA GLY A 237 -3.63 -19.19 0.58
C GLY A 237 -4.53 -18.70 -0.55
N TYR A 238 -5.79 -18.33 -0.26
CA TYR A 238 -6.72 -17.78 -1.26
C TYR A 238 -7.63 -16.76 -0.55
N PRO A 239 -8.21 -15.82 -1.30
CA PRO A 239 -9.03 -14.80 -0.63
C PRO A 239 -10.40 -15.35 -0.31
N PRO A 240 -11.12 -14.73 0.64
CA PRO A 240 -12.44 -15.27 1.05
C PRO A 240 -13.56 -15.14 0.02
N PHE A 241 -13.50 -14.15 -0.90
CA PHE A 241 -14.54 -13.90 -1.92
C PHE A 241 -13.89 -13.92 -3.31
N PHE A 242 -14.20 -14.94 -4.14
CA PHE A 242 -13.63 -14.94 -5.48
C PHE A 242 -14.59 -15.58 -6.49
N ALA A 243 -14.40 -15.23 -7.76
CA ALA A 243 -15.27 -15.69 -8.85
C ALA A 243 -14.71 -15.16 -10.17
N ASP A 244 -15.23 -15.68 -11.28
CA ASP A 244 -14.70 -15.23 -12.57
C ASP A 244 -15.16 -13.83 -13.00
N GLN A 245 -16.30 -13.35 -12.55
CA GLN A 245 -16.82 -12.04 -12.89
C GLN A 245 -16.87 -11.15 -11.65
N PRO A 246 -16.49 -9.87 -11.74
CA PRO A 246 -16.62 -9.00 -10.54
C PRO A 246 -18.03 -8.97 -9.95
N ILE A 247 -19.08 -9.04 -10.78
CA ILE A 247 -20.46 -8.98 -10.26
C ILE A 247 -20.74 -10.15 -9.34
N GLN A 248 -20.18 -11.32 -9.64
CA GLN A 248 -20.33 -12.45 -8.72
C GLN A 248 -19.52 -12.25 -7.43
N ILE A 249 -18.33 -11.64 -7.55
CA ILE A 249 -17.54 -11.33 -6.35
C ILE A 249 -18.31 -10.38 -5.45
N TYR A 250 -18.90 -9.34 -6.03
CA TYR A 250 -19.67 -8.35 -5.27
C TYR A 250 -20.84 -8.98 -4.54
N GLU A 251 -21.56 -9.89 -5.20
CA GLU A 251 -22.66 -10.60 -4.54
C GLU A 251 -22.21 -11.36 -3.29
N LYS A 252 -21.03 -12.02 -3.31
CA LYS A 252 -20.60 -12.72 -2.10
C LYS A 252 -20.20 -11.73 -1.01
N ILE A 253 -19.52 -10.65 -1.39
CA ILE A 253 -19.04 -9.66 -0.41
C ILE A 253 -20.22 -9.05 0.37
N VAL A 254 -21.27 -8.63 -0.34
CA VAL A 254 -22.39 -8.01 0.39
C VAL A 254 -23.30 -8.99 1.13
N SER A 255 -23.16 -10.30 0.90
CA SER A 255 -24.05 -11.33 1.48
C SER A 255 -23.93 -11.49 3.01
N GLY A 256 -22.79 -11.19 3.60
CA GLY A 256 -22.64 -11.38 5.02
C GLY A 256 -22.19 -12.76 5.44
N LYS A 257 -21.57 -13.53 4.51
CA LYS A 257 -21.29 -14.97 4.69
C LYS A 257 -19.87 -15.27 4.25
N VAL A 258 -19.10 -15.91 5.12
CA VAL A 258 -17.73 -16.32 4.82
C VAL A 258 -17.49 -17.68 5.49
N ARG A 259 -16.75 -18.57 4.82
CA ARG A 259 -16.44 -19.90 5.35
C ARG A 259 -14.96 -19.95 5.68
N PHE A 260 -14.61 -20.56 6.84
CA PHE A 260 -13.22 -20.54 7.30
C PHE A 260 -12.66 -21.94 7.23
N PRO A 261 -11.40 -22.11 6.78
CA PRO A 261 -10.76 -23.45 6.82
C PRO A 261 -10.72 -23.99 8.24
N SER A 262 -10.83 -25.33 8.35
CA SER A 262 -10.79 -25.93 9.69
C SER A 262 -9.44 -25.72 10.39
N HIS A 263 -8.34 -25.54 9.65
CA HIS A 263 -7.08 -25.29 10.34
C HIS A 263 -6.96 -23.91 10.97
N PHE A 264 -7.88 -22.96 10.67
CA PHE A 264 -7.83 -21.66 11.36
C PHE A 264 -8.04 -21.86 12.86
N SER A 265 -7.24 -21.15 13.66
CA SER A 265 -7.50 -21.12 15.11
C SER A 265 -8.85 -20.43 15.42
N SER A 266 -9.43 -20.75 16.60
CA SER A 266 -10.64 -20.05 17.04
C SER A 266 -10.41 -18.53 17.24
N ASP A 267 -9.23 -18.12 17.75
CA ASP A 267 -8.97 -16.70 17.87
C ASP A 267 -8.92 -16.00 16.48
N LEU A 268 -8.31 -16.65 15.49
CA LEU A 268 -8.27 -16.09 14.11
C LEU A 268 -9.67 -15.91 13.53
N LYS A 269 -10.50 -16.95 13.60
CA LYS A 269 -11.89 -16.80 13.15
C LYS A 269 -12.63 -15.64 13.83
N ASP A 270 -12.48 -15.50 15.14
CA ASP A 270 -13.18 -14.43 15.86
C ASP A 270 -12.72 -13.06 15.38
N LEU A 271 -11.39 -12.86 15.23
CA LEU A 271 -10.91 -11.56 14.72
C LEU A 271 -11.49 -11.28 13.33
N LEU A 272 -11.47 -12.30 12.45
CA LEU A 272 -11.91 -12.08 11.05
C LEU A 272 -13.40 -11.77 10.95
N ARG A 273 -14.24 -12.39 11.81
CA ARG A 273 -15.67 -12.05 11.82
C ARG A 273 -15.93 -10.58 12.19
N ASN A 274 -15.03 -10.00 13.01
CA ASN A 274 -15.16 -8.63 13.42
C ASN A 274 -14.55 -7.63 12.42
N LEU A 275 -13.51 -8.03 11.67
CA LEU A 275 -13.00 -7.20 10.56
C LEU A 275 -13.88 -7.28 9.31
N LEU A 276 -14.39 -8.48 9.01
CA LEU A 276 -15.23 -8.71 7.81
C LEU A 276 -16.72 -8.58 8.17
N GLN A 277 -17.01 -7.56 8.97
CA GLN A 277 -18.35 -7.20 9.43
C GLN A 277 -19.01 -6.28 8.39
N VAL A 278 -20.11 -6.74 7.77
CA VAL A 278 -20.66 -5.97 6.63
C VAL A 278 -21.25 -4.65 7.11
N ASP A 279 -21.71 -4.56 8.36
CA ASP A 279 -22.21 -3.30 8.89
C ASP A 279 -21.04 -2.44 9.39
N LEU A 280 -20.75 -1.30 8.70
CA LEU A 280 -19.54 -0.55 9.01
C LEU A 280 -19.57 0.08 10.41
N THR A 281 -20.76 0.25 11.02
CA THR A 281 -20.82 0.82 12.35
C THR A 281 -20.51 -0.21 13.44
N LYS A 282 -20.37 -1.49 13.07
CA LYS A 282 -19.99 -2.54 14.00
C LYS A 282 -18.58 -3.11 13.76
N ARG A 283 -17.83 -2.58 12.79
CA ARG A 283 -16.57 -3.22 12.33
C ARG A 283 -15.39 -2.80 13.21
N PHE A 284 -14.57 -3.77 13.65
CA PHE A 284 -13.36 -3.43 14.40
C PHE A 284 -12.49 -2.44 13.64
N GLY A 285 -11.91 -1.52 14.41
CA GLY A 285 -11.20 -0.36 13.86
C GLY A 285 -12.06 0.88 13.72
N ASN A 286 -13.40 0.72 13.71
CA ASN A 286 -14.34 1.83 13.53
C ASN A 286 -15.25 2.01 14.75
N LEU A 287 -14.94 1.40 15.89
CA LEU A 287 -15.74 1.60 17.12
C LEU A 287 -15.11 2.67 18.00
N LYS A 288 -15.72 2.91 19.18
CA LYS A 288 -15.20 3.94 20.09
C LYS A 288 -13.73 3.73 20.44
N ASN A 289 -13.25 2.48 20.59
CA ASN A 289 -11.85 2.28 21.00
C ASN A 289 -10.87 2.26 19.82
N GLY A 290 -11.33 2.53 18.59
CA GLY A 290 -10.45 2.64 17.43
C GLY A 290 -9.57 1.43 17.24
N VAL A 291 -8.28 1.69 16.98
CA VAL A 291 -7.35 0.59 16.70
C VAL A 291 -7.12 -0.32 17.90
N ASN A 292 -7.44 0.10 19.13
CA ASN A 292 -7.13 -0.78 20.26
C ASN A 292 -8.03 -2.02 20.37
N ASP A 293 -9.25 -2.01 19.77
CA ASP A 293 -10.00 -3.27 19.70
C ASP A 293 -9.23 -4.34 18.95
N ILE A 294 -8.41 -3.92 17.96
CA ILE A 294 -7.58 -4.86 17.22
C ILE A 294 -6.30 -5.22 18.00
N LYS A 295 -5.53 -4.23 18.44
CA LYS A 295 -4.28 -4.51 19.15
C LYS A 295 -4.48 -5.39 20.40
N ASN A 296 -5.63 -5.25 21.09
CA ASN A 296 -5.95 -6.00 22.31
C ASN A 296 -6.69 -7.31 22.07
N HIS A 297 -6.97 -7.66 20.81
CA HIS A 297 -7.64 -8.91 20.53
C HIS A 297 -6.75 -10.10 20.88
N LYS A 298 -7.39 -11.21 21.30
CA LYS A 298 -6.67 -12.44 21.66
C LYS A 298 -5.75 -12.97 20.54
N TRP A 299 -6.06 -12.74 19.24
CA TRP A 299 -5.13 -13.28 18.26
C TRP A 299 -3.76 -12.59 18.30
N PHE A 300 -3.69 -11.36 18.77
CA PHE A 300 -2.41 -10.64 18.85
C PHE A 300 -1.76 -10.72 20.25
N ALA A 301 -2.20 -11.67 21.10
CA ALA A 301 -1.74 -11.61 22.50
C ALA A 301 -0.22 -11.75 22.60
N THR A 302 0.40 -12.48 21.68
CA THR A 302 1.86 -12.68 21.70
C THR A 302 2.65 -11.55 21.02
N THR A 303 1.99 -10.49 20.51
CA THR A 303 2.71 -9.46 19.76
C THR A 303 3.27 -8.36 20.67
N ASP A 304 4.57 -8.09 20.52
CA ASP A 304 5.20 -6.94 21.16
C ASP A 304 5.14 -5.78 20.18
N TRP A 305 4.16 -4.87 20.36
CA TRP A 305 3.92 -3.81 19.37
C TRP A 305 5.11 -2.86 19.24
N ILE A 306 5.75 -2.50 20.37
CA ILE A 306 6.90 -1.61 20.32
C ILE A 306 8.07 -2.29 19.64
N ALA A 307 8.32 -3.56 19.95
CA ALA A 307 9.40 -4.32 19.32
C ALA A 307 9.25 -4.40 17.80
N ILE A 308 8.02 -4.65 17.31
CA ILE A 308 7.78 -4.65 15.86
C ILE A 308 8.11 -3.28 15.28
N TYR A 309 7.58 -2.22 15.89
CA TYR A 309 7.84 -0.87 15.42
C TYR A 309 9.34 -0.59 15.37
N GLN A 310 10.09 -1.00 16.40
CA GLN A 310 11.52 -0.74 16.38
C GLN A 310 12.33 -1.74 15.56
N ARG A 311 11.65 -2.67 14.88
CA ARG A 311 12.27 -3.70 14.03
C ARG A 311 13.26 -4.56 14.82
N LYS A 312 12.89 -4.94 16.05
CA LYS A 312 13.75 -5.78 16.87
C LYS A 312 13.35 -7.25 16.86
N VAL A 313 12.24 -7.61 16.19
CA VAL A 313 11.78 -8.98 16.12
C VAL A 313 12.41 -9.69 14.91
N GLU A 314 12.84 -10.93 15.10
CA GLU A 314 13.41 -11.69 13.99
C GLU A 314 12.29 -12.10 13.01
N ALA A 315 12.51 -11.86 11.72
CA ALA A 315 11.48 -12.14 10.74
C ALA A 315 11.33 -13.61 10.44
N PRO A 316 10.13 -14.01 9.97
CA PRO A 316 9.92 -15.40 9.53
C PRO A 316 10.84 -15.87 8.42
N PHE A 317 11.13 -15.04 7.42
CA PHE A 317 12.13 -15.47 6.45
C PHE A 317 12.75 -14.21 5.82
N ILE A 318 13.96 -14.38 5.32
CA ILE A 318 14.69 -13.33 4.61
C ILE A 318 14.73 -13.71 3.14
N PRO A 319 14.31 -12.85 2.23
CA PRO A 319 14.39 -13.21 0.81
C PRO A 319 15.84 -13.44 0.39
N LYS A 320 16.01 -14.37 -0.56
CA LYS A 320 17.29 -14.66 -1.21
C LYS A 320 17.55 -13.67 -2.33
N PHE A 321 18.66 -12.93 -2.23
CA PHE A 321 19.08 -12.02 -3.31
C PHE A 321 20.58 -11.77 -3.13
N LYS A 322 21.23 -11.36 -4.24
CA LYS A 322 22.70 -11.28 -4.26
C LYS A 322 23.24 -9.89 -3.94
N GLY A 323 22.43 -8.86 -4.03
CA GLY A 323 22.97 -7.51 -3.89
C GLY A 323 21.88 -6.48 -4.08
N PRO A 324 22.19 -5.21 -3.81
CA PRO A 324 21.15 -4.16 -3.93
C PRO A 324 20.65 -3.93 -5.35
N GLY A 325 21.32 -4.45 -6.38
CA GLY A 325 20.83 -4.37 -7.75
C GLY A 325 20.20 -5.64 -8.30
N ASP A 326 20.00 -6.68 -7.49
CA ASP A 326 19.50 -7.98 -7.95
C ASP A 326 18.00 -7.88 -8.22
N THR A 327 17.57 -8.33 -9.41
CA THR A 327 16.16 -8.28 -9.85
C THR A 327 15.50 -9.67 -9.88
N SER A 328 16.16 -10.71 -9.38
N SER A 328 16.17 -10.70 -9.36
CA SER A 328 15.65 -12.08 -9.54
CA SER A 328 15.70 -12.07 -9.48
C SER A 328 14.33 -12.34 -8.81
C SER A 328 14.31 -12.30 -8.86
N ASN A 329 13.94 -11.48 -7.88
CA ASN A 329 12.66 -11.69 -7.17
C ASN A 329 11.48 -11.02 -7.86
N PHE A 330 11.74 -10.28 -8.98
CA PHE A 330 10.70 -9.74 -9.85
C PHE A 330 10.67 -10.49 -11.18
N ASP A 331 9.60 -10.31 -11.95
CA ASP A 331 9.41 -11.07 -13.17
C ASP A 331 9.75 -10.27 -14.43
N ASP A 332 9.60 -10.90 -15.60
CA ASP A 332 10.11 -10.39 -16.86
C ASP A 332 8.99 -9.75 -17.69
N TYR A 333 9.25 -8.53 -18.21
CA TYR A 333 8.34 -7.76 -19.04
C TYR A 333 9.04 -7.33 -20.32
N GLU A 334 8.26 -7.18 -21.40
CA GLU A 334 8.78 -6.60 -22.63
C GLU A 334 9.37 -5.22 -22.35
N GLU A 335 10.59 -4.97 -22.82
CA GLU A 335 11.24 -3.71 -22.53
C GLU A 335 10.88 -2.70 -23.61
N GLU A 336 10.25 -1.60 -23.22
CA GLU A 336 9.77 -0.58 -24.16
C GLU A 336 10.53 0.72 -23.94
N GLU A 337 10.57 1.54 -24.98
CA GLU A 337 11.19 2.88 -24.91
C GLU A 337 10.53 3.80 -23.86
N ILE A 338 11.33 4.70 -23.29
CA ILE A 338 10.82 5.88 -22.57
C ILE A 338 11.02 7.07 -23.48
N ARG A 339 9.98 7.45 -24.20
CA ARG A 339 10.06 8.53 -25.18
C ARG A 339 9.53 9.84 -24.58
N VAL A 340 10.20 10.94 -24.91
CA VAL A 340 9.89 12.25 -24.39
C VAL A 340 9.77 13.16 -25.60
N SEP A 341 8.53 13.48 -25.93
CA SEP A 341 8.15 14.31 -27.06
CB SEP A 341 6.62 14.54 -26.99
OG SEP A 341 6.13 15.45 -27.96
C SEP A 341 8.91 15.64 -27.15
O SEP A 341 9.36 16.27 -26.16
P SEP A 341 5.79 14.73 -29.39
O1P SEP A 341 5.18 13.25 -29.19
O2P SEP A 341 4.73 15.63 -30.24
O3P SEP A 341 7.19 14.70 -30.18
N ILE A 342 9.11 16.06 -28.41
CA ILE A 342 9.69 17.36 -28.71
C ILE A 342 8.81 18.50 -28.16
N ASN A 343 7.50 18.29 -28.08
CA ASN A 343 6.54 19.27 -27.56
C ASN A 343 5.94 18.81 -26.22
N GLU A 344 5.61 19.78 -25.36
CA GLU A 344 4.92 19.51 -24.10
C GLU A 344 3.49 19.04 -24.33
N LYS A 345 3.05 18.09 -23.49
CA LYS A 345 1.67 17.62 -23.43
C LYS A 345 1.09 17.90 -22.05
N CYS A 346 -0.19 18.29 -22.02
CA CYS A 346 -0.98 18.36 -20.78
C CYS A 346 -0.31 19.17 -19.66
N GLY A 347 0.29 20.29 -20.05
CA GLY A 347 1.00 21.12 -19.07
C GLY A 347 0.14 21.59 -17.91
N LYS A 348 -1.04 22.18 -18.20
CA LYS A 348 -1.74 22.93 -17.16
C LYS A 348 -2.27 22.00 -16.08
N GLU A 349 -2.92 20.93 -16.51
CA GLU A 349 -3.53 19.95 -15.63
C GLU A 349 -2.55 19.42 -14.61
N PHE A 350 -1.26 19.34 -14.95
CA PHE A 350 -0.26 18.83 -14.02
C PHE A 350 0.65 19.93 -13.49
N THR A 351 0.19 21.19 -13.55
CA THR A 351 0.98 22.30 -12.99
C THR A 351 1.48 22.06 -11.57
N GLU A 352 0.67 21.42 -10.71
CA GLU A 352 1.01 21.27 -9.30
C GLU A 352 2.05 20.18 -9.07
N PHE A 353 2.22 19.27 -10.02
CA PHE A 353 3.13 18.13 -9.82
C PHE A 353 4.61 18.53 -9.67
S DMS B . -11.54 9.15 7.36
O DMS B . -12.04 7.97 8.14
C1 DMS B . -9.72 9.25 7.56
C2 DMS B . -11.94 10.64 8.33
S DMS C . -0.87 5.14 -17.36
O DMS C . 0.64 5.42 -17.42
C1 DMS C . -1.36 5.34 -15.61
C2 DMS C . -1.20 3.36 -17.56
S DMS D . 3.49 3.31 17.99
O DMS D . 2.05 3.78 17.96
C1 DMS D . 4.51 4.56 18.82
C2 DMS D . 4.07 3.59 16.30
C10 A1JEF E . -1.96 9.39 -15.52
C11 A1JEF E . -2.53 8.86 -16.62
C12 A1JEF E . -3.51 7.92 -16.49
C13 A1JEF E . -3.97 7.51 -15.28
C14 A1JEF E . -3.51 6.62 -9.82
C01 A1JEF E . -3.56 2.66 -7.46
C02 A1JEF E . -3.77 1.44 -8.38
C03 A1JEF E . -3.47 2.05 -9.80
C04 A1JEF E . -3.92 3.51 -9.67
C05 A1JEF E . -3.34 4.37 -10.84
C06 A1JEF E . -3.21 6.29 -12.24
C07 A1JEF E . -3.94 7.54 -12.78
C08 A1JEF E . -3.42 8.02 -14.15
C09 A1JEF E . -2.41 8.95 -14.30
N01 A1JEF E . -2.91 0.31 -8.02
N02 A1JEF E . -3.84 5.77 -10.98
O01 A1JEF E . -3.34 3.82 -8.37
O02 A1JEF E . -4.34 1.50 -10.79
S DMS F . 14.76 -16.73 -6.39
O DMS F . 13.55 -16.90 -5.51
C1 DMS F . 14.21 -16.12 -8.02
C2 DMS F . 15.86 -15.38 -5.85
#